data_6PQA
# 
_entry.id   6PQA 
# 
_audit_conform.dict_name       mmcif_pdbx.dic 
_audit_conform.dict_version    5.387 
_audit_conform.dict_location   http://mmcif.pdb.org/dictionaries/ascii/mmcif_pdbx.dic 
# 
loop_
_database_2.database_id 
_database_2.database_code 
_database_2.pdbx_database_accession 
_database_2.pdbx_DOI 
PDB   6PQA         pdb_00006pqa 10.2210/pdb6pqa/pdb 
WWPDB D_1000242876 ?            ?                   
# 
loop_
_pdbx_audit_revision_history.ordinal 
_pdbx_audit_revision_history.data_content_type 
_pdbx_audit_revision_history.major_revision 
_pdbx_audit_revision_history.minor_revision 
_pdbx_audit_revision_history.revision_date 
1 'Structure model' 1 0 2020-04-15 
2 'Structure model' 1 1 2020-04-29 
3 'Structure model' 1 2 2020-05-27 
4 'Structure model' 1 3 2024-03-13 
# 
_pdbx_audit_revision_details.ordinal             1 
_pdbx_audit_revision_details.revision_ordinal    1 
_pdbx_audit_revision_details.data_content_type   'Structure model' 
_pdbx_audit_revision_details.provider            repository 
_pdbx_audit_revision_details.type                'Initial release' 
_pdbx_audit_revision_details.description         ? 
_pdbx_audit_revision_details.details             ? 
# 
loop_
_pdbx_audit_revision_group.ordinal 
_pdbx_audit_revision_group.revision_ordinal 
_pdbx_audit_revision_group.data_content_type 
_pdbx_audit_revision_group.group 
1 2 'Structure model' 'Database references' 
2 3 'Structure model' 'Database references' 
3 4 'Structure model' 'Data collection'     
4 4 'Structure model' 'Database references' 
# 
loop_
_pdbx_audit_revision_category.ordinal 
_pdbx_audit_revision_category.revision_ordinal 
_pdbx_audit_revision_category.data_content_type 
_pdbx_audit_revision_category.category 
1 2 'Structure model' citation        
2 2 'Structure model' citation_author 
3 3 'Structure model' citation        
4 4 'Structure model' chem_comp_atom  
5 4 'Structure model' chem_comp_bond  
6 4 'Structure model' database_2      
# 
loop_
_pdbx_audit_revision_item.ordinal 
_pdbx_audit_revision_item.revision_ordinal 
_pdbx_audit_revision_item.data_content_type 
_pdbx_audit_revision_item.item 
1 2 'Structure model' '_citation.pdbx_database_id_PubMed'   
2 2 'Structure model' '_citation.title'                     
3 2 'Structure model' '_citation_author.name'               
4 3 'Structure model' '_citation.journal_volume'            
5 3 'Structure model' '_citation.page_first'                
6 3 'Structure model' '_citation.page_last'                 
7 4 'Structure model' '_database_2.pdbx_DOI'                
8 4 'Structure model' '_database_2.pdbx_database_accession' 
# 
_pdbx_database_status.status_code                     REL 
_pdbx_database_status.status_code_sf                  REL 
_pdbx_database_status.status_code_mr                  ? 
_pdbx_database_status.entry_id                        6PQA 
_pdbx_database_status.recvd_initial_deposition_date   2019-07-08 
_pdbx_database_status.SG_entry                        N 
_pdbx_database_status.deposit_site                    RCSB 
_pdbx_database_status.process_site                    RCSB 
_pdbx_database_status.status_code_cs                  ? 
_pdbx_database_status.methods_development_category    ? 
_pdbx_database_status.pdb_format_compatible           Y 
_pdbx_database_status.status_code_nmr_data            ? 
# 
_pdbx_database_related.db_name        PDB 
_pdbx_database_related.details        'AGAAAA segment 113-118 from human prion' 
_pdbx_database_related.db_id          6PQ5 
_pdbx_database_related.content_type   unspecified 
# 
loop_
_audit_author.name 
_audit_author.pdbx_ordinal 
_audit_author.identifier_ORCID 
'Apostol, M.I.' 1 ? 
'Sawaya, M.R.'  2 ? 
'Eisenberg, D.' 3 ? 
# 
_citation.abstract                  ? 
_citation.abstract_id_CAS           ? 
_citation.book_id_ISBN              ? 
_citation.book_publisher            ? 
_citation.book_publisher_city       ? 
_citation.book_title                ? 
_citation.coordinate_linkage        ? 
_citation.country                   US 
_citation.database_id_Medline       ? 
_citation.details                   ? 
_citation.id                        primary 
_citation.journal_abbrev            Nat.Struct.Mol.Biol. 
_citation.journal_id_ASTM           ? 
_citation.journal_id_CSD            ? 
_citation.journal_id_ISSN           1545-9985 
_citation.journal_full              ? 
_citation.journal_issue             ? 
_citation.journal_volume            27 
_citation.language                  ? 
_citation.page_first                417 
_citation.page_last                 423 
_citation.title                     'Cryo-EM structure of a human prion fibril with a hydrophobic, protease-resistant core.' 
_citation.year                      2020 
_citation.database_id_CSD           ? 
_citation.pdbx_database_id_DOI      10.1038/s41594-020-0403-y 
_citation.pdbx_database_id_PubMed   32284600 
_citation.unpublished_flag          ? 
# 
loop_
_citation_author.citation_id 
_citation_author.name 
_citation_author.ordinal 
_citation_author.identifier_ORCID 
primary 'Glynn, C.'           1  ? 
primary 'Sawaya, M.R.'        2  ? 
primary 'Ge, P.'              3  ? 
primary 'Gallagher-Jones, M.' 4  ? 
primary 'Short, C.W.'         5  ? 
primary 'Bowman, R.'          6  ? 
primary 'Apostol, M.'         7  ? 
primary 'Zhou, Z.H.'          8  ? 
primary 'Eisenberg, D.S.'     9  ? 
primary 'Rodriguez, J.A.'     10 ? 
# 
loop_
_entity.id 
_entity.type 
_entity.src_method 
_entity.pdbx_description 
_entity.formula_weight 
_entity.pdbx_number_of_molecules 
_entity.pdbx_ec 
_entity.pdbx_mutation 
_entity.pdbx_fragment 
_entity.details 
1 polymer syn 'Major prion protein' 458.510 1 ? ? 'UNP residues 119-124' ? 
2 water   nat water                 18.015  3 ? ? ?                      ? 
# 
_entity_name_com.entity_id   1 
_entity_name_com.name        'PrP, ASCR, PrP27-30, PrP33-35C' 
# 
_entity_poly.entity_id                      1 
_entity_poly.type                           'polypeptide(L)' 
_entity_poly.nstd_linkage                   no 
_entity_poly.nstd_monomer                   no 
_entity_poly.pdbx_seq_one_letter_code       GAVVGG 
_entity_poly.pdbx_seq_one_letter_code_can   GAVVGG 
_entity_poly.pdbx_strand_id                 A 
_entity_poly.pdbx_target_identifier         ? 
# 
_pdbx_entity_nonpoly.entity_id   2 
_pdbx_entity_nonpoly.name        water 
_pdbx_entity_nonpoly.comp_id     HOH 
# 
loop_
_entity_poly_seq.entity_id 
_entity_poly_seq.num 
_entity_poly_seq.mon_id 
_entity_poly_seq.hetero 
1 1 GLY n 
1 2 ALA n 
1 3 VAL n 
1 4 VAL n 
1 5 GLY n 
1 6 GLY n 
# 
_pdbx_entity_src_syn.entity_id              1 
_pdbx_entity_src_syn.pdbx_src_id            1 
_pdbx_entity_src_syn.pdbx_alt_source_flag   sample 
_pdbx_entity_src_syn.pdbx_beg_seq_num       1 
_pdbx_entity_src_syn.pdbx_end_seq_num       6 
_pdbx_entity_src_syn.organism_scientific    'Homo sapiens' 
_pdbx_entity_src_syn.organism_common_name   Human 
_pdbx_entity_src_syn.ncbi_taxonomy_id       9606 
_pdbx_entity_src_syn.details                ? 
# 
loop_
_chem_comp.id 
_chem_comp.type 
_chem_comp.mon_nstd_flag 
_chem_comp.name 
_chem_comp.pdbx_synonyms 
_chem_comp.formula 
_chem_comp.formula_weight 
ALA 'L-peptide linking' y ALANINE ? 'C3 H7 N O2'  89.093  
GLY 'peptide linking'   y GLYCINE ? 'C2 H5 N O2'  75.067  
HOH non-polymer         . WATER   ? 'H2 O'        18.015  
VAL 'L-peptide linking' y VALINE  ? 'C5 H11 N O2' 117.146 
# 
loop_
_pdbx_poly_seq_scheme.asym_id 
_pdbx_poly_seq_scheme.entity_id 
_pdbx_poly_seq_scheme.seq_id 
_pdbx_poly_seq_scheme.mon_id 
_pdbx_poly_seq_scheme.ndb_seq_num 
_pdbx_poly_seq_scheme.pdb_seq_num 
_pdbx_poly_seq_scheme.auth_seq_num 
_pdbx_poly_seq_scheme.pdb_mon_id 
_pdbx_poly_seq_scheme.auth_mon_id 
_pdbx_poly_seq_scheme.pdb_strand_id 
_pdbx_poly_seq_scheme.pdb_ins_code 
_pdbx_poly_seq_scheme.hetero 
A 1 1 GLY 1 1 1 GLY GLY A . n 
A 1 2 ALA 2 2 2 ALA ALA A . n 
A 1 3 VAL 3 3 3 VAL VAL A . n 
A 1 4 VAL 4 4 4 VAL VAL A . n 
A 1 5 GLY 5 5 5 GLY GLY A . n 
A 1 6 GLY 6 6 6 GLY GLY A . n 
# 
loop_
_pdbx_nonpoly_scheme.asym_id 
_pdbx_nonpoly_scheme.entity_id 
_pdbx_nonpoly_scheme.mon_id 
_pdbx_nonpoly_scheme.ndb_seq_num 
_pdbx_nonpoly_scheme.pdb_seq_num 
_pdbx_nonpoly_scheme.auth_seq_num 
_pdbx_nonpoly_scheme.pdb_mon_id 
_pdbx_nonpoly_scheme.auth_mon_id 
_pdbx_nonpoly_scheme.pdb_strand_id 
_pdbx_nonpoly_scheme.pdb_ins_code 
B 2 HOH 1 101 2 HOH HOH A . 
B 2 HOH 2 102 1 HOH HOH A . 
B 2 HOH 3 103 3 HOH HOH A . 
# 
loop_
_software.citation_id 
_software.classification 
_software.compiler_name 
_software.compiler_version 
_software.contact_author 
_software.contact_author_email 
_software.date 
_software.description 
_software.dependencies 
_software.hardware 
_software.language 
_software.location 
_software.mods 
_software.name 
_software.os 
_software.os_version 
_software.type 
_software.version 
_software.pdbx_ordinal 
? 'data reduction'  ? ? ? ? ? ? ? ? ? ? ? DENZO       ? ? ? .        1 
? 'data scaling'    ? ? ? ? ? ? ? ? ? ? ? SCALEPACK   ? ? ? 1.97.8   2 
? phasing           ? ? ? ? ? ? ? ? ? ? ? PHASER      ? ? ? 1.3.2    3 
? refinement        ? ? ? ? ? ? ? ? ? ? ? REFMAC      ? ? ? 5.4.0061 4 
? 'data extraction' ? ? ? ? ? ? ? ? ? ? ? PDB_EXTRACT ? ? ? 3.25     5 
# 
_cell.angle_alpha                  90.000 
_cell.angle_alpha_esd              ? 
_cell.angle_beta                   92.380 
_cell.angle_beta_esd               ? 
_cell.angle_gamma                  90.000 
_cell.angle_gamma_esd              ? 
_cell.entry_id                     6PQA 
_cell.details                      ? 
_cell.formula_units_Z              ? 
_cell.length_a                     4.786 
_cell.length_a_esd                 ? 
_cell.length_b                     12.810 
_cell.length_b_esd                 ? 
_cell.length_c                     20.771 
_cell.length_c_esd                 ? 
_cell.volume                       ? 
_cell.volume_esd                   ? 
_cell.Z_PDB                        2 
_cell.reciprocal_angle_alpha       ? 
_cell.reciprocal_angle_beta        ? 
_cell.reciprocal_angle_gamma       ? 
_cell.reciprocal_angle_alpha_esd   ? 
_cell.reciprocal_angle_beta_esd    ? 
_cell.reciprocal_angle_gamma_esd   ? 
_cell.reciprocal_length_a          ? 
_cell.reciprocal_length_b          ? 
_cell.reciprocal_length_c          ? 
_cell.reciprocal_length_a_esd      ? 
_cell.reciprocal_length_b_esd      ? 
_cell.reciprocal_length_c_esd      ? 
_cell.pdbx_unique_axis             ? 
# 
_symmetry.entry_id                         6PQA 
_symmetry.cell_setting                     ? 
_symmetry.Int_Tables_number                4 
_symmetry.space_group_name_Hall            ? 
_symmetry.space_group_name_H-M             'P 1 21 1' 
_symmetry.pdbx_full_space_group_name_H-M   ? 
# 
_exptl.absorpt_coefficient_mu     ? 
_exptl.absorpt_correction_T_max   ? 
_exptl.absorpt_correction_T_min   ? 
_exptl.absorpt_correction_type    ? 
_exptl.absorpt_process_details    ? 
_exptl.entry_id                   6PQA 
_exptl.crystals_number            1 
_exptl.details                    ? 
_exptl.method                     'X-RAY DIFFRACTION' 
_exptl.method_details             ? 
# 
_exptl_crystal.colour                      ? 
_exptl_crystal.density_diffrn              ? 
_exptl_crystal.density_Matthews            1.39 
_exptl_crystal.density_method              ? 
_exptl_crystal.density_percent_sol         11.35 
_exptl_crystal.description                 ? 
_exptl_crystal.F_000                       ? 
_exptl_crystal.id                          1 
_exptl_crystal.preparation                 ? 
_exptl_crystal.size_max                    ? 
_exptl_crystal.size_mid                    ? 
_exptl_crystal.size_min                    ? 
_exptl_crystal.size_rad                    ? 
_exptl_crystal.colour_lustre               ? 
_exptl_crystal.colour_modifier             ? 
_exptl_crystal.colour_primary              ? 
_exptl_crystal.density_meas                ? 
_exptl_crystal.density_meas_esd            ? 
_exptl_crystal.density_meas_gt             ? 
_exptl_crystal.density_meas_lt             ? 
_exptl_crystal.density_meas_temp           ? 
_exptl_crystal.density_meas_temp_esd       ? 
_exptl_crystal.density_meas_temp_gt        ? 
_exptl_crystal.density_meas_temp_lt        ? 
_exptl_crystal.pdbx_crystal_image_url      ? 
_exptl_crystal.pdbx_crystal_image_format   ? 
_exptl_crystal.pdbx_mosaicity              ? 
_exptl_crystal.pdbx_mosaicity_esd          ? 
# 
_exptl_crystal_grow.apparatus       ? 
_exptl_crystal_grow.atmosphere      ? 
_exptl_crystal_grow.crystal_id      1 
_exptl_crystal_grow.details         ? 
_exptl_crystal_grow.method          'VAPOR DIFFUSION, HANGING DROP' 
_exptl_crystal_grow.method_ref      ? 
_exptl_crystal_grow.pH              7.0 
_exptl_crystal_grow.pressure        ? 
_exptl_crystal_grow.pressure_esd    ? 
_exptl_crystal_grow.seeding         ? 
_exptl_crystal_grow.seeding_ref     ? 
_exptl_crystal_grow.temp            298 
_exptl_crystal_grow.temp_details    ? 
_exptl_crystal_grow.temp_esd        ? 
_exptl_crystal_grow.time            ? 
_exptl_crystal_grow.pdbx_details    '10 mg/mL peptide in 2.4 M sodium malonate, pH 7.0' 
_exptl_crystal_grow.pdbx_pH_range   6.8-7.2 
# 
_diffrn.ambient_environment              ? 
_diffrn.ambient_temp                     100 
_diffrn.ambient_temp_details             ? 
_diffrn.ambient_temp_esd                 ? 
_diffrn.crystal_id                       1 
_diffrn.crystal_support                  ? 
_diffrn.crystal_treatment                ? 
_diffrn.details                          ? 
_diffrn.id                               1 
_diffrn.ambient_pressure                 ? 
_diffrn.ambient_pressure_esd             ? 
_diffrn.ambient_pressure_gt              ? 
_diffrn.ambient_pressure_lt              ? 
_diffrn.ambient_temp_gt                  ? 
_diffrn.ambient_temp_lt                  ? 
_diffrn.pdbx_serial_crystal_experiment   N 
# 
_diffrn_detector.details                      ? 
_diffrn_detector.detector                     CCD 
_diffrn_detector.diffrn_id                    1 
_diffrn_detector.type                         'MAR CCD 165 mm' 
_diffrn_detector.area_resol_mean              ? 
_diffrn_detector.dtime                        ? 
_diffrn_detector.pdbx_frames_total            ? 
_diffrn_detector.pdbx_collection_time_total   ? 
_diffrn_detector.pdbx_collection_date         2006-05-13 
_diffrn_detector.pdbx_frequency               ? 
# 
_diffrn_radiation.collimation                      ? 
_diffrn_radiation.diffrn_id                        1 
_diffrn_radiation.filter_edge                      ? 
_diffrn_radiation.inhomogeneity                    ? 
_diffrn_radiation.monochromator                    'Si(111)' 
_diffrn_radiation.polarisn_norm                    ? 
_diffrn_radiation.polarisn_ratio                   ? 
_diffrn_radiation.probe                            ? 
_diffrn_radiation.type                             ? 
_diffrn_radiation.xray_symbol                      ? 
_diffrn_radiation.wavelength_id                    1 
_diffrn_radiation.pdbx_monochromatic_or_laue_m_l   M 
_diffrn_radiation.pdbx_wavelength_list             ? 
_diffrn_radiation.pdbx_wavelength                  ? 
_diffrn_radiation.pdbx_diffrn_protocol             'SINGLE WAVELENGTH' 
_diffrn_radiation.pdbx_analyzer                    ? 
_diffrn_radiation.pdbx_scattering_type             x-ray 
# 
_diffrn_radiation_wavelength.id           1 
_diffrn_radiation_wavelength.wavelength   0.9465 
_diffrn_radiation_wavelength.wt           1.0 
# 
_diffrn_source.current                     ? 
_diffrn_source.details                     ? 
_diffrn_source.diffrn_id                   1 
_diffrn_source.power                       ? 
_diffrn_source.size                        ? 
_diffrn_source.source                      SYNCHROTRON 
_diffrn_source.target                      ? 
_diffrn_source.type                        'ESRF BEAMLINE ID13' 
_diffrn_source.voltage                     ? 
_diffrn_source.take-off_angle              ? 
_diffrn_source.pdbx_wavelength_list        0.9465 
_diffrn_source.pdbx_wavelength             ? 
_diffrn_source.pdbx_synchrotron_beamline   ID13 
_diffrn_source.pdbx_synchrotron_site       ESRF 
# 
_reflns.B_iso_Wilson_estimate            ? 
_reflns.entry_id                         6PQA 
_reflns.data_reduction_details           ? 
_reflns.data_reduction_method            ? 
_reflns.d_resolution_high                1.450 
_reflns.d_resolution_low                 30.000 
_reflns.details                          ? 
_reflns.limit_h_max                      ? 
_reflns.limit_h_min                      ? 
_reflns.limit_k_max                      ? 
_reflns.limit_k_min                      ? 
_reflns.limit_l_max                      ? 
_reflns.limit_l_min                      ? 
_reflns.number_all                       ? 
_reflns.number_obs                       455 
_reflns.observed_criterion               ? 
_reflns.observed_criterion_F_max         ? 
_reflns.observed_criterion_F_min         ? 
_reflns.observed_criterion_I_max         ? 
_reflns.observed_criterion_I_min         ? 
_reflns.observed_criterion_sigma_F       ? 
_reflns.observed_criterion_sigma_I       ? 
_reflns.percent_possible_obs             93.600 
_reflns.R_free_details                   ? 
_reflns.Rmerge_F_all                     ? 
_reflns.Rmerge_F_obs                     ? 
_reflns.Friedel_coverage                 ? 
_reflns.number_gt                        ? 
_reflns.threshold_expression             ? 
_reflns.pdbx_redundancy                  5.400 
_reflns.pdbx_Rmerge_I_obs                0.145 
_reflns.pdbx_Rmerge_I_all                ? 
_reflns.pdbx_Rsym_value                  0.15 
_reflns.pdbx_netI_over_av_sigmaI         ? 
_reflns.pdbx_netI_over_sigmaI            31.400 
_reflns.pdbx_res_netI_over_av_sigmaI_2   ? 
_reflns.pdbx_res_netI_over_sigmaI_2      ? 
_reflns.pdbx_chi_squared                 1.052 
_reflns.pdbx_scaling_rejects             ? 
_reflns.pdbx_d_res_high_opt              ? 
_reflns.pdbx_d_res_low_opt               ? 
_reflns.pdbx_d_res_opt_method            ? 
_reflns.phase_calculation_details        ? 
_reflns.pdbx_Rrim_I_all                  ? 
_reflns.pdbx_Rpim_I_all                  ? 
_reflns.pdbx_d_opt                       ? 
_reflns.pdbx_number_measured_all         ? 
_reflns.pdbx_diffrn_id                   1 
_reflns.pdbx_ordinal                     1 
_reflns.pdbx_CC_half                     ? 
_reflns.pdbx_R_split                     ? 
# 
loop_
_reflns_shell.d_res_high 
_reflns_shell.d_res_low 
_reflns_shell.meanI_over_sigI_all 
_reflns_shell.meanI_over_sigI_obs 
_reflns_shell.number_measured_all 
_reflns_shell.number_measured_obs 
_reflns_shell.number_possible 
_reflns_shell.number_unique_all 
_reflns_shell.number_unique_obs 
_reflns_shell.percent_possible_all 
_reflns_shell.percent_possible_obs 
_reflns_shell.Rmerge_F_all 
_reflns_shell.Rmerge_F_obs 
_reflns_shell.Rmerge_I_all 
_reflns_shell.Rmerge_I_obs 
_reflns_shell.meanI_over_sigI_gt 
_reflns_shell.meanI_over_uI_all 
_reflns_shell.meanI_over_uI_gt 
_reflns_shell.number_measured_gt 
_reflns_shell.number_unique_gt 
_reflns_shell.percent_possible_gt 
_reflns_shell.Rmerge_F_gt 
_reflns_shell.Rmerge_I_gt 
_reflns_shell.pdbx_redundancy 
_reflns_shell.pdbx_Rsym_value 
_reflns_shell.pdbx_chi_squared 
_reflns_shell.pdbx_netI_over_sigmaI_all 
_reflns_shell.pdbx_netI_over_sigmaI_obs 
_reflns_shell.pdbx_Rrim_I_all 
_reflns_shell.pdbx_Rpim_I_all 
_reflns_shell.pdbx_rejects 
_reflns_shell.pdbx_ordinal 
_reflns_shell.pdbx_diffrn_id 
_reflns_shell.pdbx_CC_half 
_reflns_shell.pdbx_R_split 
1.450 1.500  ? ? ? ? ? ? 41 93.200  ? ? ? ? 0.311 ? ? ? ? ? ? ? ? 2.800 0.31 1.006 ? ? ? ? ? 1  1 ? ? 
1.500 1.560  ? ? ? ? ? ? 48 84.200  ? ? ? ? 0.274 ? ? ? ? ? ? ? ? 3.700 ?    1.099 ? ? ? ? ? 2  1 ? ? 
1.560 1.630  ? ? ? ? ? ? 41 80.400  ? ? ? ? 0.187 ? ? ? ? ? ? ? ? 4.500 ?    0.962 ? ? ? ? ? 3  1 ? ? 
1.630 1.720  ? ? ? ? ? ? 36 100.000 ? ? ? ? 0.218 ? ? ? ? ? ? ? ? 6.100 ?    1.145 ? ? ? ? ? 4  1 ? ? 
1.720 1.830  ? ? ? ? ? ? 46 100.000 ? ? ? ? 0.242 ? ? ? ? ? ? ? ? 6.500 ?    1.124 ? ? ? ? ? 5  1 ? ? 
1.830 1.970  ? ? ? ? ? ? 48 100.000 ? ? ? ? 0.137 ? ? ? ? ? ? ? ? 6.100 ?    1.291 ? ? ? ? ? 6  1 ? ? 
1.970 2.170  ? ? ? ? ? ? 51 100.000 ? ? ? ? 0.143 ? ? ? ? ? ? ? ? 6.200 ?    0.888 ? ? ? ? ? 7  1 ? ? 
2.170 2.480  ? ? ? ? ? ? 50 94.300  ? ? ? ? 0.152 ? ? ? ? ? ? ? ? 5.900 ?    1.003 ? ? ? ? ? 8  1 ? ? 
2.480 3.120  ? ? ? ? ? ? 44 100.000 ? ? ? ? 0.132 ? ? ? ? ? ? ? ? 6.400 ?    0.984 ? ? ? ? ? 9  1 ? ? 
3.120 30.000 ? ? ? ? ? ? 50 89.300  ? ? ? ? 0.095 ? ? ? ? ? ? ? ? 5.400 ?    0.998 ? ? ? ? ? 10 1 ? ? 
# 
_refine.aniso_B[1][1]                            -0.3000 
_refine.aniso_B[1][2]                            0.0000 
_refine.aniso_B[1][3]                            -0.2800 
_refine.aniso_B[2][2]                            0.8800 
_refine.aniso_B[2][3]                            0.0000 
_refine.aniso_B[3][3]                            -0.6000 
_refine.B_iso_max                                33.980 
_refine.B_iso_mean                               4.4250 
_refine.B_iso_min                                0.880 
_refine.correlation_coeff_Fo_to_Fc               0.9480 
_refine.correlation_coeff_Fo_to_Fc_free          0.8780 
_refine.details                                  'HYDROGENS HAVE BEEN ADDED IN THE RIDING POSITIONS' 
_refine.diff_density_max                         ? 
_refine.diff_density_max_esd                     ? 
_refine.diff_density_min                         ? 
_refine.diff_density_min_esd                     ? 
_refine.diff_density_rms                         ? 
_refine.diff_density_rms_esd                     ? 
_refine.entry_id                                 6PQA 
_refine.pdbx_refine_id                           'X-RAY DIFFRACTION' 
_refine.ls_abs_structure_details                 ? 
_refine.ls_abs_structure_Flack                   ? 
_refine.ls_abs_structure_Flack_esd               ? 
_refine.ls_abs_structure_Rogers                  ? 
_refine.ls_abs_structure_Rogers_esd              ? 
_refine.ls_d_res_high                            1.4600 
_refine.ls_d_res_low                             20.7500 
_refine.ls_extinction_coef                       ? 
_refine.ls_extinction_coef_esd                   ? 
_refine.ls_extinction_expression                 ? 
_refine.ls_extinction_method                     ? 
_refine.ls_goodness_of_fit_all                   ? 
_refine.ls_goodness_of_fit_all_esd               ? 
_refine.ls_goodness_of_fit_obs                   ? 
_refine.ls_goodness_of_fit_obs_esd               ? 
_refine.ls_hydrogen_treatment                    ? 
_refine.ls_matrix_type                           ? 
_refine.ls_number_constraints                    ? 
_refine.ls_number_parameters                     ? 
_refine.ls_number_reflns_all                     ? 
_refine.ls_number_reflns_obs                     389 
_refine.ls_number_reflns_R_free                  46 
_refine.ls_number_reflns_R_work                  ? 
_refine.ls_number_restraints                     ? 
_refine.ls_percent_reflns_obs                    92.7500 
_refine.ls_percent_reflns_R_free                 10.6000 
_refine.ls_R_factor_all                          ? 
_refine.ls_R_factor_obs                          0.1867 
_refine.ls_R_factor_R_free                       0.2379 
_refine.ls_R_factor_R_free_error                 ? 
_refine.ls_R_factor_R_free_error_details         ? 
_refine.ls_R_factor_R_work                       0.1802 
_refine.ls_R_Fsqd_factor_obs                     ? 
_refine.ls_R_I_factor_obs                        ? 
_refine.ls_redundancy_reflns_all                 ? 
_refine.ls_redundancy_reflns_obs                 ? 
_refine.ls_restrained_S_all                      ? 
_refine.ls_restrained_S_obs                      ? 
_refine.ls_shift_over_esd_max                    ? 
_refine.ls_shift_over_esd_mean                   ? 
_refine.ls_structure_factor_coef                 ? 
_refine.ls_weighting_details                     ? 
_refine.ls_weighting_scheme                      ? 
_refine.ls_wR_factor_all                         ? 
_refine.ls_wR_factor_obs                         ? 
_refine.ls_wR_factor_R_free                      ? 
_refine.ls_wR_factor_R_work                      ? 
_refine.occupancy_max                            ? 
_refine.occupancy_min                            ? 
_refine.solvent_model_details                    ? 
_refine.solvent_model_param_bsol                 ? 
_refine.solvent_model_param_ksol                 ? 
_refine.ls_R_factor_gt                           ? 
_refine.ls_goodness_of_fit_gt                    ? 
_refine.ls_goodness_of_fit_ref                   ? 
_refine.ls_shift_over_su_max                     ? 
_refine.ls_shift_over_su_max_lt                  ? 
_refine.ls_shift_over_su_mean                    ? 
_refine.ls_shift_over_su_mean_lt                 ? 
_refine.pdbx_ls_sigma_I                          ? 
_refine.pdbx_ls_sigma_F                          0.000 
_refine.pdbx_ls_sigma_Fsqd                       ? 
_refine.pdbx_data_cutoff_high_absF               ? 
_refine.pdbx_data_cutoff_high_rms_absF           ? 
_refine.pdbx_data_cutoff_low_absF                ? 
_refine.pdbx_isotropic_thermal_model             ? 
_refine.pdbx_ls_cross_valid_method               THROUGHOUT 
_refine.pdbx_method_to_determine_struct          'MOLECULAR REPLACEMENT' 
_refine.pdbx_starting_model                      ? 
_refine.pdbx_stereochemistry_target_values       ? 
_refine.pdbx_R_Free_selection_details            RANDOM 
_refine.pdbx_stereochem_target_val_spec_case     ? 
_refine.pdbx_overall_ESU_R                       0.1050 
_refine.pdbx_overall_ESU_R_Free                  0.1110 
_refine.pdbx_solvent_vdw_probe_radii             1.4000 
_refine.pdbx_solvent_ion_probe_radii             0.8000 
_refine.pdbx_solvent_shrinkage_radii             0.8000 
_refine.pdbx_real_space_R                        ? 
_refine.pdbx_density_correlation                 ? 
_refine.pdbx_pd_number_of_powder_patterns        ? 
_refine.pdbx_pd_number_of_points                 ? 
_refine.pdbx_pd_meas_number_of_points            ? 
_refine.pdbx_pd_proc_ls_prof_R_factor            ? 
_refine.pdbx_pd_proc_ls_prof_wR_factor           ? 
_refine.pdbx_pd_Marquardt_correlation_coeff      ? 
_refine.pdbx_pd_Fsqrd_R_factor                   ? 
_refine.pdbx_pd_ls_matrix_band_width             ? 
_refine.pdbx_overall_phase_error                 ? 
_refine.pdbx_overall_SU_R_free_Cruickshank_DPI   ? 
_refine.pdbx_overall_SU_R_free_Blow_DPI          ? 
_refine.pdbx_overall_SU_R_Blow_DPI               ? 
_refine.pdbx_TLS_residual_ADP_flag               ? 
_refine.pdbx_diffrn_id                           1 
_refine.overall_SU_B                             1.0990 
_refine.overall_SU_ML                            0.0440 
_refine.overall_SU_R_Cruickshank_DPI             0.1047 
_refine.overall_SU_R_free                        ? 
_refine.overall_FOM_free_R_set                   ? 
_refine.overall_FOM_work_R_set                   ? 
_refine.pdbx_average_fsc_overall                 ? 
_refine.pdbx_average_fsc_work                    ? 
_refine.pdbx_average_fsc_free                    ? 
# 
_refine_hist.pdbx_refine_id                   'X-RAY DIFFRACTION' 
_refine_hist.cycle_id                         final 
_refine_hist.details                          ? 
_refine_hist.d_res_high                       1.4600 
_refine_hist.d_res_low                        20.7500 
_refine_hist.number_atoms_solvent             3 
_refine_hist.number_atoms_total               35 
_refine_hist.number_reflns_all                ? 
_refine_hist.number_reflns_obs                ? 
_refine_hist.number_reflns_R_free             ? 
_refine_hist.number_reflns_R_work             ? 
_refine_hist.R_factor_all                     ? 
_refine_hist.R_factor_obs                     ? 
_refine_hist.R_factor_R_free                  ? 
_refine_hist.R_factor_R_work                  ? 
_refine_hist.pdbx_number_residues_total       6 
_refine_hist.pdbx_B_iso_mean_ligand           ? 
_refine_hist.pdbx_B_iso_mean_solvent          31.46 
_refine_hist.pdbx_number_atoms_protein        32 
_refine_hist.pdbx_number_atoms_nucleic_acid   0 
_refine_hist.pdbx_number_atoms_ligand         0 
_refine_hist.pdbx_number_atoms_lipid          ? 
_refine_hist.pdbx_number_atoms_carb           ? 
_refine_hist.pdbx_pseudo_atom_details         ? 
# 
loop_
_refine_ls_restr.pdbx_refine_id 
_refine_ls_restr.criterion 
_refine_ls_restr.dev_ideal 
_refine_ls_restr.dev_ideal_target 
_refine_ls_restr.number 
_refine_ls_restr.rejects 
_refine_ls_restr.type 
_refine_ls_restr.weight 
_refine_ls_restr.pdbx_restraint_function 
'X-RAY DIFFRACTION' ? 0.007 0.022  31 ? r_bond_refined_d       ? ? 
'X-RAY DIFFRACTION' ? 0.001 0.020  16 ? r_bond_other_d         ? ? 
'X-RAY DIFFRACTION' ? 1.081 2.039  41 ? r_angle_refined_deg    ? ? 
'X-RAY DIFFRACTION' ? 0.554 3.000  40 ? r_angle_other_deg      ? ? 
'X-RAY DIFFRACTION' ? 7.501 5.000  5  ? r_dihedral_angle_1_deg ? ? 
'X-RAY DIFFRACTION' ? 5.267 15.000 2  ? r_dihedral_angle_3_deg ? ? 
'X-RAY DIFFRACTION' ? 0.073 0.200  5  ? r_chiral_restr         ? ? 
'X-RAY DIFFRACTION' ? 0.003 0.020  39 ? r_gen_planes_refined   ? ? 
'X-RAY DIFFRACTION' ? 0.000 0.020  5  ? r_gen_planes_other     ? ? 
# 
_refine_ls_shell.pdbx_refine_id                   'X-RAY DIFFRACTION' 
_refine_ls_shell.d_res_high                       1.4600 
_refine_ls_shell.d_res_low                        1.6270 
_refine_ls_shell.number_reflns_all                ? 
_refine_ls_shell.number_reflns_obs                ? 
_refine_ls_shell.number_reflns_R_free             10 
_refine_ls_shell.number_reflns_R_work             108 
_refine_ls_shell.percent_reflns_obs               83.6900 
_refine_ls_shell.percent_reflns_R_free            ? 
_refine_ls_shell.R_factor_all                     ? 
_refine_ls_shell.R_factor_obs                     ? 
_refine_ls_shell.R_factor_R_free                  0.2930 
_refine_ls_shell.R_factor_R_free_error            0.0000 
_refine_ls_shell.R_factor_R_work                  0.2040 
_refine_ls_shell.redundancy_reflns_all            ? 
_refine_ls_shell.redundancy_reflns_obs            ? 
_refine_ls_shell.wR_factor_all                    ? 
_refine_ls_shell.wR_factor_obs                    ? 
_refine_ls_shell.wR_factor_R_free                 ? 
_refine_ls_shell.wR_factor_R_work                 ? 
_refine_ls_shell.pdbx_total_number_of_bins_used   ? 
_refine_ls_shell.pdbx_phase_error                 ? 
_refine_ls_shell.pdbx_fsc_work                    ? 
_refine_ls_shell.pdbx_fsc_free                    ? 
# 
_struct.entry_id                     6PQA 
_struct.title                        'GAVVGG segment 119-124 from human prion' 
_struct.pdbx_model_details           ? 
_struct.pdbx_formula_weight          ? 
_struct.pdbx_formula_weight_method   ? 
_struct.pdbx_model_type_details      ? 
_struct.pdbx_CASP_flag               N 
# 
_struct_keywords.entry_id        6PQA 
_struct_keywords.text            'amyloid-like protofibril, PROTEIN FIBRIL' 
_struct_keywords.pdbx_keywords   'PROTEIN FIBRIL' 
# 
loop_
_struct_asym.id 
_struct_asym.pdbx_blank_PDB_chainid_flag 
_struct_asym.pdbx_modified 
_struct_asym.entity_id 
_struct_asym.details 
A N N 1 ? 
B N N 2 ? 
# 
_struct_ref.id                         1 
_struct_ref.db_name                    UNP 
_struct_ref.db_code                    PRIO_HUMAN 
_struct_ref.pdbx_db_accession          P04156 
_struct_ref.pdbx_db_isoform            ? 
_struct_ref.entity_id                  1 
_struct_ref.pdbx_seq_one_letter_code   GAVVGG 
_struct_ref.pdbx_align_begin           119 
# 
_struct_ref_seq.align_id                      1 
_struct_ref_seq.ref_id                        1 
_struct_ref_seq.pdbx_PDB_id_code              6PQA 
_struct_ref_seq.pdbx_strand_id                A 
_struct_ref_seq.seq_align_beg                 1 
_struct_ref_seq.pdbx_seq_align_beg_ins_code   ? 
_struct_ref_seq.seq_align_end                 6 
_struct_ref_seq.pdbx_seq_align_end_ins_code   ? 
_struct_ref_seq.pdbx_db_accession             P04156 
_struct_ref_seq.db_align_beg                  119 
_struct_ref_seq.pdbx_db_align_beg_ins_code    ? 
_struct_ref_seq.db_align_end                  124 
_struct_ref_seq.pdbx_db_align_end_ins_code    ? 
_struct_ref_seq.pdbx_auth_seq_align_beg       1 
_struct_ref_seq.pdbx_auth_seq_align_end       6 
# 
_pdbx_struct_assembly.id                   1 
_pdbx_struct_assembly.details              author_defined_assembly 
_pdbx_struct_assembly.method_details       ? 
_pdbx_struct_assembly.oligomeric_details   octameric 
_pdbx_struct_assembly.oligomeric_count     8 
# 
loop_
_pdbx_struct_assembly_gen.assembly_id 
_pdbx_struct_assembly_gen.oper_expression 
_pdbx_struct_assembly_gen.asym_id_list 
1 1 A,B 
1 2 A,B 
1 3 A,B 
1 4 A,B 
1 5 A,B 
1 6 A,B 
1 7 A,B 
1 8 A,B 
# 
_pdbx_struct_assembly_auth_evidence.id                     1 
_pdbx_struct_assembly_auth_evidence.assembly_id            1 
_pdbx_struct_assembly_auth_evidence.experimental_support   none 
_pdbx_struct_assembly_auth_evidence.details                ? 
# 
loop_
_pdbx_struct_oper_list.id 
_pdbx_struct_oper_list.type 
_pdbx_struct_oper_list.name 
_pdbx_struct_oper_list.symmetry_operation 
_pdbx_struct_oper_list.matrix[1][1] 
_pdbx_struct_oper_list.matrix[1][2] 
_pdbx_struct_oper_list.matrix[1][3] 
_pdbx_struct_oper_list.vector[1] 
_pdbx_struct_oper_list.matrix[2][1] 
_pdbx_struct_oper_list.matrix[2][2] 
_pdbx_struct_oper_list.matrix[2][3] 
_pdbx_struct_oper_list.vector[2] 
_pdbx_struct_oper_list.matrix[3][1] 
_pdbx_struct_oper_list.matrix[3][2] 
_pdbx_struct_oper_list.matrix[3][3] 
_pdbx_struct_oper_list.vector[3] 
1 'identity operation'         1_555 x,y,z           1.0000000000  0.0000000000 0.0000000000  0.0000000000  0.0000000000 1.0000000000 0.0000000000  0.0000000000  0.0000000000  0.0000000000  1.0000000000  0.0000000000  
2 'crystal symmetry operation' 1_655 x+1,y,z         1.0000000000  0.0000000000 0.0000000000  3.6848882350  0.0000000000 1.0000000000 0.0000000000  -2.9012464728 0.0000000000  0.0000000000  1.0000000000  0.9540249472  
3 'crystal symmetry operation' 1_755 x+2,y,z         1.0000000000  0.0000000000 0.0000000000  7.3697764699  0.0000000000 1.0000000000 0.0000000000  -5.8024929456 0.0000000000  0.0000000000  1.0000000000  1.9080498944  
4 'crystal symmetry operation' 1_855 x+3,y,z         1.0000000000  0.0000000000 0.0000000000  11.0546647049 0.0000000000 1.0000000000 0.0000000000  -8.7037394184 0.0000000000  0.0000000000  1.0000000000  2.8620748415  
5 'crystal symmetry operation' 2_554 -x,y+1/2,-z-1   -0.1856995673 0.9286287253 -0.3211920940 5.4027944333  0.9286287253 0.0590087820 -0.3662876659 2.3143724445  -0.3211920940 -0.3662876659 -0.8733092147 -5.0597623926 
6 'crystal symmetry operation' 2_654 -x+1,y+1/2,-z-1 -0.1856995673 0.9286287253 -0.3211920940 9.0876826682  0.9286287253 0.0590087820 -0.3662876659 -0.5868740283 -0.3211920940 -0.3662876659 -0.8733092147 -4.1057374454 
7 'crystal symmetry operation' 2_754 -x+2,y+1/2,-z-1 -0.1856995673 0.9286287253 -0.3211920940 12.7725709032 0.9286287253 0.0590087820 -0.3662876659 -3.4881205011 -0.3211920940 -0.3662876659 -0.8733092147 -3.1517124982 
8 'crystal symmetry operation' 2_854 -x+3,y+1/2,-z-1 -0.1856995673 0.9286287253 -0.3211920940 16.4574591382 0.9286287253 0.0590087820 -0.3662876659 -6.3893669739 -0.3211920940 -0.3662876659 -0.8733092147 -2.1976875510 
# 
_phasing.method   MR 
# 
loop_
_chem_comp_atom.comp_id 
_chem_comp_atom.atom_id 
_chem_comp_atom.type_symbol 
_chem_comp_atom.pdbx_aromatic_flag 
_chem_comp_atom.pdbx_stereo_config 
_chem_comp_atom.pdbx_ordinal 
ALA N    N N N 1  
ALA CA   C N S 2  
ALA C    C N N 3  
ALA O    O N N 4  
ALA CB   C N N 5  
ALA OXT  O N N 6  
ALA H    H N N 7  
ALA H2   H N N 8  
ALA HA   H N N 9  
ALA HB1  H N N 10 
ALA HB2  H N N 11 
ALA HB3  H N N 12 
ALA HXT  H N N 13 
GLY N    N N N 14 
GLY CA   C N N 15 
GLY C    C N N 16 
GLY O    O N N 17 
GLY OXT  O N N 18 
GLY H    H N N 19 
GLY H2   H N N 20 
GLY HA2  H N N 21 
GLY HA3  H N N 22 
GLY HXT  H N N 23 
HOH O    O N N 24 
HOH H1   H N N 25 
HOH H2   H N N 26 
VAL N    N N N 27 
VAL CA   C N S 28 
VAL C    C N N 29 
VAL O    O N N 30 
VAL CB   C N N 31 
VAL CG1  C N N 32 
VAL CG2  C N N 33 
VAL OXT  O N N 34 
VAL H    H N N 35 
VAL H2   H N N 36 
VAL HA   H N N 37 
VAL HB   H N N 38 
VAL HG11 H N N 39 
VAL HG12 H N N 40 
VAL HG13 H N N 41 
VAL HG21 H N N 42 
VAL HG22 H N N 43 
VAL HG23 H N N 44 
VAL HXT  H N N 45 
# 
loop_
_chem_comp_bond.comp_id 
_chem_comp_bond.atom_id_1 
_chem_comp_bond.atom_id_2 
_chem_comp_bond.value_order 
_chem_comp_bond.pdbx_aromatic_flag 
_chem_comp_bond.pdbx_stereo_config 
_chem_comp_bond.pdbx_ordinal 
ALA N   CA   sing N N 1  
ALA N   H    sing N N 2  
ALA N   H2   sing N N 3  
ALA CA  C    sing N N 4  
ALA CA  CB   sing N N 5  
ALA CA  HA   sing N N 6  
ALA C   O    doub N N 7  
ALA C   OXT  sing N N 8  
ALA CB  HB1  sing N N 9  
ALA CB  HB2  sing N N 10 
ALA CB  HB3  sing N N 11 
ALA OXT HXT  sing N N 12 
GLY N   CA   sing N N 13 
GLY N   H    sing N N 14 
GLY N   H2   sing N N 15 
GLY CA  C    sing N N 16 
GLY CA  HA2  sing N N 17 
GLY CA  HA3  sing N N 18 
GLY C   O    doub N N 19 
GLY C   OXT  sing N N 20 
GLY OXT HXT  sing N N 21 
HOH O   H1   sing N N 22 
HOH O   H2   sing N N 23 
VAL N   CA   sing N N 24 
VAL N   H    sing N N 25 
VAL N   H2   sing N N 26 
VAL CA  C    sing N N 27 
VAL CA  CB   sing N N 28 
VAL CA  HA   sing N N 29 
VAL C   O    doub N N 30 
VAL C   OXT  sing N N 31 
VAL CB  CG1  sing N N 32 
VAL CB  CG2  sing N N 33 
VAL CB  HB   sing N N 34 
VAL CG1 HG11 sing N N 35 
VAL CG1 HG12 sing N N 36 
VAL CG1 HG13 sing N N 37 
VAL CG2 HG21 sing N N 38 
VAL CG2 HG22 sing N N 39 
VAL CG2 HG23 sing N N 40 
VAL OXT HXT  sing N N 41 
# 
loop_
_pdbx_audit_support.funding_organization 
_pdbx_audit_support.country 
_pdbx_audit_support.grant_number 
_pdbx_audit_support.ordinal 
'National Institutes of Health/National Institute on Aging (NIH/NIA)'                      'United States' 'R01 AG029430'    1 
'National Institutes of Health/National Institute on Aging (NIH/NIA)'                      'United States' 'R01 AG029430-05' 2 
'National Institutes of Health/National Institute of General Medical Sciences (NIH/NIGMS)' 'United States' 'T32 GM007185'    3 
'National Institutes of Health/National Institute of General Medical Sciences (NIH/NIGMS)' 'United States' GM007185          4 
# 
_atom_sites.entry_id                    6PQA 
_atom_sites.Cartn_transf_matrix[1][1]   ? 
_atom_sites.Cartn_transf_matrix[1][2]   ? 
_atom_sites.Cartn_transf_matrix[1][3]   ? 
_atom_sites.Cartn_transf_matrix[2][1]   ? 
_atom_sites.Cartn_transf_matrix[2][2]   ? 
_atom_sites.Cartn_transf_matrix[2][3]   ? 
_atom_sites.Cartn_transf_matrix[3][1]   ? 
_atom_sites.Cartn_transf_matrix[3][2]   ? 
_atom_sites.Cartn_transf_matrix[3][3]   ? 
_atom_sites.Cartn_transf_vector[1]      ? 
_atom_sites.Cartn_transf_vector[2]      ? 
_atom_sites.Cartn_transf_vector[3]      ? 
_atom_sites.fract_transf_matrix[1][1]   0.16093684 
_atom_sites.fract_transf_matrix[1][2]   -0.12387628 
_atom_sites.fract_transf_matrix[1][3]   0.04986382 
_atom_sites.fract_transf_matrix[2][1]   0.04981133 
_atom_sites.fract_transf_matrix[2][2]   0.05680487 
_atom_sites.fract_transf_matrix[2][3]   -0.01964755 
_atom_sites.fract_transf_matrix[3][1]   0.00036230 
_atom_sites.fract_transf_matrix[3][2]   0.01546643 
_atom_sites.fract_transf_matrix[3][3]   0.04563495 
_atom_sites.fract_transf_vector[1]      -0.165140 
_atom_sites.fract_transf_vector[2]      -0.129443 
_atom_sites.fract_transf_vector[3]      -0.403429 
_atom_sites.solution_primary            ? 
_atom_sites.solution_secondary          ? 
_atom_sites.solution_hydrogens          ? 
_atom_sites.special_details             ? 
# 
loop_
_atom_type.symbol 
C 
N 
O 
# 
loop_
_atom_site.group_PDB 
_atom_site.id 
_atom_site.type_symbol 
_atom_site.label_atom_id 
_atom_site.label_alt_id 
_atom_site.label_comp_id 
_atom_site.label_asym_id 
_atom_site.label_entity_id 
_atom_site.label_seq_id 
_atom_site.pdbx_PDB_ins_code 
_atom_site.Cartn_x 
_atom_site.Cartn_y 
_atom_site.Cartn_z 
_atom_site.occupancy 
_atom_site.B_iso_or_equiv 
_atom_site.pdbx_formal_charge 
_atom_site.auth_seq_id 
_atom_site.auth_comp_id 
_atom_site.auth_asym_id 
_atom_site.auth_atom_id 
_atom_site.pdbx_PDB_model_num 
ATOM   1  N N   . GLY A 1 1 ? 1.647  2.940  8.684   1.00 11.97 ? 1   GLY A N   1 
ATOM   2  C CA  . GLY A 1 1 ? 2.198  2.609  7.344   1.00 10.78 ? 1   GLY A CA  1 
ATOM   3  C C   . GLY A 1 1 ? 1.122  2.542  6.279   1.00 9.55  ? 1   GLY A C   1 
ATOM   4  O O   . GLY A 1 1 ? 0.004  2.080  6.545   1.00 10.46 ? 1   GLY A O   1 
ATOM   5  N N   . ALA A 1 2 ? 1.465  2.999  5.076   1.00 8.11  ? 2   ALA A N   1 
ATOM   6  C CA  . ALA A 1 2 ? 0.575  2.884  3.923   1.00 6.19  ? 2   ALA A CA  1 
ATOM   7  C C   . ALA A 1 2 ? 0.422  1.423  3.523   1.00 4.89  ? 2   ALA A C   1 
ATOM   8  O O   . ALA A 1 2 ? 1.295  0.613  3.794   1.00 5.11  ? 2   ALA A O   1 
ATOM   9  C CB  . ALA A 1 2 ? 1.097  3.691  2.745   1.00 6.83  ? 2   ALA A CB  1 
ATOM   10 N N   . VAL A 1 3 ? -0.706 1.099  2.898   1.00 3.34  ? 3   VAL A N   1 
ATOM   11 C CA  . VAL A 1 3 ? -0.939 -0.230 2.336   1.00 2.77  ? 3   VAL A CA  1 
ATOM   12 C C   . VAL A 1 3 ? -1.219 -0.013 0.852   1.00 1.72  ? 3   VAL A C   1 
ATOM   13 O O   . VAL A 1 3 ? -2.135 0.721  0.497   1.00 0.88  ? 3   VAL A O   1 
ATOM   14 C CB  . VAL A 1 3 ? -2.141 -0.915 2.988   1.00 2.95  ? 3   VAL A CB  1 
ATOM   15 C CG1 . VAL A 1 3 ? -2.300 -2.302 2.405   1.00 3.95  ? 3   VAL A CG1 1 
ATOM   16 C CG2 . VAL A 1 3 ? -1.974 -0.970 4.490   1.00 3.05  ? 3   VAL A CG2 1 
ATOM   17 N N   . VAL A 1 4 ? -0.398 -0.614 -0.006  1.00 1.12  ? 4   VAL A N   1 
ATOM   18 C CA  . VAL A 1 4 ? -0.384 -0.233 -1.421  1.00 1.51  ? 4   VAL A CA  1 
ATOM   19 C C   . VAL A 1 4 ? -0.288 -1.474 -2.293  1.00 1.44  ? 4   VAL A C   1 
ATOM   20 O O   . VAL A 1 4 ? 0.577  -2.324 -2.059  1.00 1.21  ? 4   VAL A O   1 
ATOM   21 C CB  . VAL A 1 4 ? 0.801  0.700  -1.753  1.00 1.36  ? 4   VAL A CB  1 
ATOM   22 C CG1 . VAL A 1 4 ? 0.721  1.128  -3.225  1.00 2.62  ? 4   VAL A CG1 1 
ATOM   23 C CG2 . VAL A 1 4 ? 0.822  1.925  -0.844  1.00 2.27  ? 4   VAL A CG2 1 
ATOM   24 N N   . GLY A 1 5 ? -1.176 -1.577 -3.285  1.00 2.03  ? 5   GLY A N   1 
ATOM   25 C CA  . GLY A 1 5 ? -1.139 -2.698 -4.240  1.00 2.55  ? 5   GLY A CA  1 
ATOM   26 C C   . GLY A 1 5 ? -1.218 -2.190 -5.668  1.00 3.81  ? 5   GLY A C   1 
ATOM   27 O O   . GLY A 1 5 ? -2.029 -1.311 -5.964  1.00 2.07  ? 5   GLY A O   1 
ATOM   28 N N   . GLY A 1 6 ? -0.363 -2.729 -6.534  1.00 5.33  ? 6   GLY A N   1 
ATOM   29 C CA  . GLY A 1 6 ? -0.311 -2.331 -7.942  1.00 7.37  ? 6   GLY A CA  1 
ATOM   30 C C   . GLY A 1 6 ? -0.149 -3.531 -8.851  1.00 9.40  ? 6   GLY A C   1 
ATOM   31 O O   . GLY A 1 6 ? 0.044  -4.662 -8.380  1.00 11.70 ? 6   GLY A O   1 
ATOM   32 O OXT . GLY A 1 6 ? -0.228 -3.432 -10.081 1.00 11.72 ? 6   GLY A OXT 1 
HETATM 33 O O   . HOH B 2 . ? 0.489  0.868  9.263   1.00 33.98 ? 101 HOH A O   1 
HETATM 34 O O   . HOH B 2 . ? 1.331  -1.569 -10.871 1.00 29.96 ? 102 HOH A O   1 
HETATM 35 O O   . HOH B 2 . ? -2.602 2.266  5.953   1.00 30.43 ? 103 HOH A O   1 
# 
